data_9UDU
#
_entry.id   9UDU
#
_cell.length_a   33.650
_cell.length_b   41.820
_cell.length_c   162.450
_cell.angle_alpha   90.000
_cell.angle_beta   90.000
_cell.angle_gamma   90.000
#
_symmetry.space_group_name_H-M   'P 21 21 21'
#
loop_
_entity.id
_entity.type
_entity.pdbx_description
1 polymer 'Single-chain Fv antibody of E11'
2 non-polymer '6-[2-(3,5-dinitro-4-oxidanyl-phenyl)ethanoylamino]hexanoic acid'
3 non-polymer GLYCEROL
4 non-polymer DI(HYDROXYETHYL)ETHER
5 water water
#
_entity_poly.entity_id   1
_entity_poly.type   'polypeptide(L)'
_entity_poly.pdbx_seq_one_letter_code
;GSAQAVVTQESALTTSPGETVTLTCRSSTGAVISSNFVSWVQEKPDHLFTGLIGGNKNRAPGVPARFSGSLIGDKAVLTI
TGAQTEDEAIYFCALWYSNHWVFGGGTKLTVLGQGGGGSGGGGSGGGGSQVQLQQPGAELAKPGASVQLSCKGSGYTFPN
YWMHWVTQRPGRGLEWIGRIDPNSGFIRYDERFKTKATLTVDKPSSTAYMQLSSLTSDDSAVYFCARGCYGCIHFDYWGQ
GTTLTVSS
;
_entity_poly.pdbx_strand_id   A
#
loop_
_chem_comp.id
_chem_comp.type
_chem_comp.name
_chem_comp.formula
A1L81 non-polymer '6-[2-(3,5-dinitro-4-oxidanyl-phenyl)ethanoylamino]hexanoic acid' 'C14 H19 N3 O8 2'
GOL non-polymer GLYCEROL 'C3 H8 O3'
PEG non-polymer DI(HYDROXYETHYL)ETHER 'C4 H10 O3'
#
# COMPACT_ATOMS: atom_id res chain seq x y z
N GLY A 1 14.12 -15.56 -8.59
N GLY A 1 14.15 -17.66 -10.11
CA GLY A 1 12.66 -15.62 -8.28
CA GLY A 1 14.00 -16.28 -10.65
C GLY A 1 12.10 -14.34 -7.70
C GLY A 1 12.96 -15.44 -9.93
N SER A 2 12.37 -14.12 -6.41
N SER A 2 13.40 -14.32 -9.35
CA SER A 2 11.72 -13.04 -5.69
CA SER A 2 12.49 -13.36 -8.74
C SER A 2 12.08 -11.68 -6.28
C SER A 2 12.92 -11.92 -8.95
N ALA A 3 13.29 -11.53 -6.82
N ALA A 3 14.05 -11.68 -9.63
CA ALA A 3 13.75 -10.19 -7.20
CA ALA A 3 14.50 -10.32 -9.89
C ALA A 3 13.00 -9.65 -8.40
C ALA A 3 13.61 -9.59 -10.88
N GLN A 4 12.75 -10.48 -9.42
N GLN A 4 12.70 -10.29 -11.56
CA GLN A 4 12.20 -10.04 -10.69
CA GLN A 4 11.73 -9.70 -12.46
C GLN A 4 10.68 -10.24 -10.84
C GLN A 4 10.31 -10.02 -12.02
N ALA A 5 9.98 -10.53 -9.76
N ALA A 5 10.11 -10.21 -10.72
CA ALA A 5 8.54 -10.79 -9.85
CA ALA A 5 8.81 -10.56 -10.20
C ALA A 5 7.74 -9.59 -10.38
C ALA A 5 7.81 -9.48 -10.55
N VAL A 6 6.73 -9.90 -11.21
CA VAL A 6 5.72 -8.95 -11.71
C VAL A 6 4.34 -9.49 -11.32
N VAL A 7 3.50 -8.61 -10.78
CA VAL A 7 2.17 -8.96 -10.30
C VAL A 7 1.15 -8.33 -11.23
N THR A 8 0.24 -9.13 -11.78
CA THR A 8 -0.70 -8.67 -12.79
CA THR A 8 -0.69 -8.66 -12.79
C THR A 8 -2.14 -8.75 -12.31
N GLN A 9 -2.89 -7.69 -12.61
CA GLN A 9 -4.29 -7.53 -12.26
C GLN A 9 -5.09 -7.14 -13.51
N GLU A 10 -6.41 -7.36 -13.48
CA GLU A 10 -7.28 -6.90 -14.55
C GLU A 10 -7.12 -5.40 -14.74
N SER A 11 -7.20 -4.94 -15.98
CA SER A 11 -7.11 -3.50 -16.22
CA SER A 11 -7.11 -3.50 -16.22
C SER A 11 -8.31 -2.76 -15.64
N ALA A 12 -9.53 -3.19 -15.99
CA ALA A 12 -10.73 -2.48 -15.54
C ALA A 12 -11.86 -3.49 -15.42
N LEU A 13 -12.81 -3.15 -14.56
CA LEU A 13 -14.04 -3.90 -14.39
C LEU A 13 -15.17 -2.89 -14.19
N THR A 14 -16.38 -3.29 -14.60
CA THR A 14 -17.58 -2.48 -14.44
CA THR A 14 -17.57 -2.48 -14.44
C THR A 14 -18.62 -3.31 -13.71
N THR A 15 -19.30 -2.69 -12.75
CA THR A 15 -20.32 -3.37 -11.96
C THR A 15 -21.44 -2.38 -11.65
N SER A 16 -22.40 -2.83 -10.85
CA SER A 16 -23.50 -2.01 -10.41
C SER A 16 -23.98 -2.55 -9.07
N PRO A 17 -24.80 -1.80 -8.34
CA PRO A 17 -25.15 -2.24 -6.99
C PRO A 17 -25.83 -3.60 -6.99
N GLY A 18 -25.39 -4.45 -6.08
CA GLY A 18 -25.95 -5.76 -5.94
C GLY A 18 -25.30 -6.85 -6.76
N GLU A 19 -24.39 -6.50 -7.67
CA GLU A 19 -23.65 -7.51 -8.41
C GLU A 19 -22.49 -8.04 -7.57
N THR A 20 -21.96 -9.18 -7.98
CA THR A 20 -20.72 -9.68 -7.44
C THR A 20 -19.58 -9.34 -8.40
N VAL A 21 -18.47 -8.88 -7.84
CA VAL A 21 -17.25 -8.50 -8.57
CA VAL A 21 -17.31 -8.62 -8.67
C VAL A 21 -16.14 -9.45 -8.15
N THR A 22 -15.38 -9.98 -9.11
CA THR A 22 -14.19 -10.80 -8.84
C THR A 22 -12.97 -10.08 -9.41
N LEU A 23 -12.02 -9.76 -8.55
CA LEU A 23 -10.75 -9.16 -8.92
CA LEU A 23 -10.75 -9.16 -8.93
C LEU A 23 -9.65 -10.18 -8.66
N THR A 24 -8.71 -10.32 -9.60
CA THR A 24 -7.65 -11.30 -9.42
C THR A 24 -6.26 -10.67 -9.49
N CYS A 25 -5.29 -11.46 -9.04
CA CYS A 25 -3.94 -10.97 -8.79
C CYS A 25 -3.02 -12.17 -9.00
N ARG A 26 -2.18 -12.10 -10.04
CA ARG A 26 -1.35 -13.22 -10.48
CA ARG A 26 -1.35 -13.21 -10.48
C ARG A 26 0.13 -12.88 -10.35
N SER A 27 0.93 -13.89 -10.02
CA SER A 27 2.36 -13.76 -9.88
C SER A 27 3.08 -14.33 -11.09
N SER A 28 4.13 -13.63 -11.56
CA SER A 28 4.93 -14.11 -12.67
C SER A 28 5.82 -15.27 -12.28
N THR A 29 6.03 -15.52 -10.99
CA THR A 29 6.98 -16.51 -10.53
C THR A 29 6.37 -17.90 -10.39
N GLY A 30 5.06 -18.02 -10.48
CA GLY A 30 4.36 -19.26 -10.22
C GLY A 30 3.02 -18.96 -9.56
N ALA A 31 2.45 -19.96 -8.91
CA ALA A 31 1.22 -19.74 -8.18
C ALA A 31 1.46 -18.72 -7.08
N VAL A 32 0.42 -17.92 -6.79
CA VAL A 32 0.40 -17.15 -5.55
C VAL A 32 0.21 -18.14 -4.41
N ILE A 33 1.06 -18.04 -3.39
CA ILE A 33 1.12 -19.00 -2.30
C ILE A 33 0.92 -18.28 -0.97
N SER A 34 0.67 -19.06 0.08
CA SER A 34 0.38 -18.50 1.38
CA SER A 34 0.37 -18.46 1.36
CA SER A 34 0.38 -18.49 1.38
C SER A 34 1.50 -17.56 1.85
N SER A 35 2.76 -17.93 1.58
CA SER A 35 3.93 -17.12 1.98
C SER A 35 3.87 -15.70 1.38
N ASN A 36 3.15 -15.51 0.26
CA ASN A 36 3.03 -14.19 -0.35
C ASN A 36 2.15 -13.25 0.48
N PHE A 37 1.39 -13.79 1.43
CA PHE A 37 0.75 -13.00 2.50
C PHE A 37 0.10 -11.72 1.96
N VAL A 38 -0.85 -11.92 1.03
CA VAL A 38 -1.31 -10.85 0.15
C VAL A 38 -2.17 -9.83 0.90
N SER A 39 -1.93 -8.56 0.58
CA SER A 39 -2.83 -7.46 0.94
C SER A 39 -3.55 -6.92 -0.28
N TRP A 40 -4.78 -6.43 -0.05
CA TRP A 40 -5.55 -5.69 -1.03
C TRP A 40 -5.86 -4.33 -0.44
N VAL A 41 -5.63 -3.28 -1.23
CA VAL A 41 -5.85 -1.91 -0.82
CA VAL A 41 -5.81 -1.89 -0.84
C VAL A 41 -6.69 -1.20 -1.88
N GLN A 42 -7.37 -0.16 -1.44
N GLN A 42 -7.48 -0.23 -1.45
CA GLN A 42 -8.31 0.60 -2.23
CA GLN A 42 -8.33 0.52 -2.37
C GLN A 42 -7.89 2.06 -2.30
C GLN A 42 -7.93 2.00 -2.39
N GLU A 43 -7.82 2.61 -3.52
N GLU A 43 -7.90 2.57 -3.60
CA GLU A 43 -7.49 4.01 -3.76
CA GLU A 43 -7.55 3.96 -3.81
C GLU A 43 -8.73 4.76 -4.24
C GLU A 43 -8.81 4.71 -4.23
N LYS A 44 -9.15 5.75 -3.48
CA LYS A 44 -10.23 6.65 -3.86
CA LYS A 44 -10.22 6.65 -3.86
C LYS A 44 -9.67 8.04 -4.16
N PRO A 45 -10.42 8.92 -4.81
CA PRO A 45 -9.91 10.29 -5.06
C PRO A 45 -9.84 11.14 -3.78
N ASP A 46 -8.77 11.94 -3.62
N ASP A 46 -8.78 11.94 -3.52
CA ASP A 46 -7.54 11.94 -4.47
CA ASP A 46 -7.50 12.17 -4.20
C ASP A 46 -6.36 11.38 -3.64
C ASP A 46 -6.46 11.45 -3.34
N HIS A 47 -5.92 10.23 -4.12
N HIS A 47 -5.90 10.35 -3.83
CA HIS A 47 -4.93 9.34 -3.51
CA HIS A 47 -4.81 9.70 -3.14
C HIS A 47 -5.18 9.04 -2.02
C HIS A 47 -5.23 9.21 -1.78
N LEU A 48 -6.45 8.70 -1.69
CA LEU A 48 -6.89 8.23 -0.39
CA LEU A 48 -6.96 8.24 -0.41
C LEU A 48 -6.95 6.71 -0.40
N PHE A 49 -6.02 6.11 0.35
CA PHE A 49 -5.85 4.67 0.40
C PHE A 49 -6.36 4.09 1.71
N THR A 50 -6.98 2.90 1.62
CA THR A 50 -7.49 2.13 2.75
CA THR A 50 -7.35 2.14 2.79
C THR A 50 -7.13 0.67 2.50
N GLY A 51 -6.60 -0.04 3.49
CA GLY A 51 -6.39 -1.48 3.35
C GLY A 51 -7.68 -2.24 3.63
N LEU A 52 -7.94 -3.25 2.81
CA LEU A 52 -9.14 -4.06 2.89
C LEU A 52 -8.88 -5.47 3.44
N ILE A 53 -7.86 -6.15 2.91
CA ILE A 53 -7.53 -7.53 3.22
C ILE A 53 -6.04 -7.58 3.50
N GLY A 54 -5.65 -8.43 4.45
CA GLY A 54 -4.25 -8.77 4.66
C GLY A 54 -4.11 -10.26 4.88
N GLY A 55 -2.87 -10.73 4.83
CA GLY A 55 -2.63 -12.16 5.07
C GLY A 55 -3.47 -13.07 4.22
N ASN A 56 -3.65 -12.70 2.94
CA ASN A 56 -4.41 -13.44 1.94
C ASN A 56 -5.92 -13.39 2.12
N LYS A 57 -6.40 -13.52 3.36
CA LYS A 57 -7.82 -13.79 3.60
CA LYS A 57 -7.81 -13.79 3.59
C LYS A 57 -8.40 -13.04 4.79
N ASN A 58 -7.65 -12.19 5.46
CA ASN A 58 -8.14 -11.56 6.67
C ASN A 58 -8.71 -10.18 6.35
N ARG A 59 -10.00 -9.99 6.66
CA ARG A 59 -10.64 -8.71 6.44
C ARG A 59 -10.28 -7.77 7.58
N ALA A 60 -9.82 -6.57 7.25
CA ALA A 60 -9.45 -5.63 8.28
C ALA A 60 -10.68 -5.14 9.06
N PRO A 61 -10.56 -4.95 10.37
CA PRO A 61 -11.69 -4.41 11.13
CA PRO A 61 -11.68 -4.41 11.13
C PRO A 61 -12.15 -3.08 10.55
N GLY A 62 -13.48 -2.92 10.49
CA GLY A 62 -14.11 -1.74 9.93
C GLY A 62 -14.43 -1.84 8.45
N VAL A 63 -13.79 -2.75 7.73
CA VAL A 63 -14.04 -2.93 6.31
C VAL A 63 -15.37 -3.65 6.12
N PRO A 64 -16.21 -3.23 5.18
CA PRO A 64 -17.49 -3.91 4.98
C PRO A 64 -17.34 -5.40 4.70
N ALA A 65 -18.31 -6.16 5.22
CA ALA A 65 -18.30 -7.61 5.07
C ALA A 65 -18.42 -8.06 3.62
N ARG A 66 -18.91 -7.21 2.73
CA ARG A 66 -19.02 -7.62 1.33
C ARG A 66 -17.66 -7.84 0.68
N PHE A 67 -16.56 -7.37 1.27
CA PHE A 67 -15.23 -7.65 0.75
C PHE A 67 -14.68 -8.93 1.37
N SER A 68 -14.15 -9.83 0.54
CA SER A 68 -13.48 -11.02 1.05
CA SER A 68 -13.50 -11.03 1.03
CA SER A 68 -13.51 -11.05 1.03
C SER A 68 -12.31 -11.36 0.15
N GLY A 69 -11.27 -11.94 0.74
CA GLY A 69 -10.08 -12.32 0.01
C GLY A 69 -9.80 -13.80 0.19
N SER A 70 -9.22 -14.41 -0.84
CA SER A 70 -8.80 -15.81 -0.76
C SER A 70 -7.71 -16.06 -1.79
N LEU A 71 -7.06 -17.22 -1.66
CA LEU A 71 -6.21 -17.78 -2.71
C LEU A 71 -7.02 -18.90 -3.38
N ILE A 72 -7.26 -18.76 -4.67
N ILE A 72 -7.14 -18.82 -4.72
CA ILE A 72 -8.10 -19.70 -5.39
CA ILE A 72 -7.86 -19.80 -5.53
C ILE A 72 -7.28 -20.20 -6.56
C ILE A 72 -7.35 -19.71 -6.96
N GLY A 73 -7.02 -21.50 -6.59
N GLY A 73 -7.34 -20.84 -7.66
CA GLY A 73 -6.13 -22.02 -7.59
CA GLY A 73 -6.96 -20.86 -9.06
C GLY A 73 -4.80 -21.36 -7.40
C GLY A 73 -5.56 -20.39 -9.33
N ASP A 74 -4.31 -20.71 -8.46
N ASP A 74 -4.63 -20.67 -8.40
CA ASP A 74 -2.98 -20.14 -8.50
CA ASP A 74 -3.22 -20.23 -8.40
C ASP A 74 -2.96 -18.62 -8.35
C ASP A 74 -3.03 -18.72 -8.38
N LYS A 75 -4.08 -17.99 -8.01
CA LYS A 75 -4.14 -16.54 -7.93
CA LYS A 75 -4.10 -16.54 -7.92
CA LYS A 75 -4.07 -16.55 -7.90
C LYS A 75 -4.65 -16.11 -6.55
N ALA A 76 -4.45 -14.84 -6.23
CA ALA A 76 -5.17 -14.21 -5.13
C ALA A 76 -6.41 -13.55 -5.71
N VAL A 77 -7.50 -13.59 -4.96
CA VAL A 77 -8.79 -13.07 -5.42
C VAL A 77 -9.43 -12.23 -4.34
N LEU A 78 -9.90 -11.05 -4.74
CA LEU A 78 -10.75 -10.19 -3.93
C LEU A 78 -12.16 -10.26 -4.54
N THR A 79 -13.14 -10.61 -3.73
CA THR A 79 -14.53 -10.69 -4.17
C THR A 79 -15.33 -9.63 -3.43
N ILE A 80 -16.14 -8.87 -4.17
CA ILE A 80 -17.12 -7.96 -3.60
C ILE A 80 -18.48 -8.58 -3.86
N THR A 81 -19.13 -9.07 -2.80
CA THR A 81 -20.40 -9.78 -2.96
CA THR A 81 -20.40 -9.78 -2.93
C THR A 81 -21.53 -8.80 -2.62
N GLY A 82 -22.02 -8.11 -3.65
CA GLY A 82 -23.02 -7.07 -3.50
C GLY A 82 -22.40 -5.70 -3.52
N ALA A 83 -21.94 -5.29 -4.70
CA ALA A 83 -21.23 -4.03 -4.84
C ALA A 83 -22.13 -2.86 -4.47
N GLN A 84 -21.48 -1.75 -4.08
CA GLN A 84 -22.12 -0.50 -3.74
C GLN A 84 -21.44 0.63 -4.50
N THR A 85 -22.15 1.73 -4.71
CA THR A 85 -21.55 2.83 -5.47
C THR A 85 -20.26 3.33 -4.85
N GLU A 86 -20.14 3.32 -3.50
CA GLU A 86 -18.92 3.82 -2.87
CA GLU A 86 -18.94 3.78 -2.83
C GLU A 86 -17.72 2.91 -3.11
N ASP A 87 -17.92 1.77 -3.75
CA ASP A 87 -16.81 0.86 -4.06
C ASP A 87 -16.09 1.25 -5.35
N GLU A 88 -16.56 2.25 -6.08
CA GLU A 88 -15.85 2.73 -7.26
C GLU A 88 -14.50 3.27 -6.80
N ALA A 89 -13.41 2.72 -7.33
CA ALA A 89 -12.06 2.93 -6.79
C ALA A 89 -11.09 2.15 -7.67
N ILE A 90 -9.79 2.33 -7.40
CA ILE A 90 -8.75 1.47 -7.96
CA ILE A 90 -8.73 1.49 -7.95
C ILE A 90 -8.30 0.53 -6.86
N TYR A 91 -8.20 -0.76 -7.19
CA TYR A 91 -7.83 -1.80 -6.23
C TYR A 91 -6.47 -2.35 -6.58
N PHE A 92 -5.55 -2.36 -5.60
CA PHE A 92 -4.21 -2.90 -5.79
C PHE A 92 -4.02 -4.10 -4.88
N CYS A 93 -3.36 -5.13 -5.38
CA CYS A 93 -2.84 -6.20 -4.53
C CYS A 93 -1.34 -6.02 -4.33
N ALA A 94 -0.86 -6.63 -3.26
CA ALA A 94 0.56 -6.58 -2.88
C ALA A 94 0.96 -7.95 -2.39
N LEU A 95 2.09 -8.45 -2.91
CA LEU A 95 2.64 -9.76 -2.57
C LEU A 95 4.00 -9.61 -1.91
N TRP A 96 4.22 -10.43 -0.90
CA TRP A 96 5.50 -10.52 -0.21
C TRP A 96 6.36 -11.60 -0.89
N TYR A 97 7.53 -11.19 -1.38
CA TYR A 97 8.49 -12.04 -2.08
C TYR A 97 9.83 -12.04 -1.34
N SER A 98 9.91 -12.83 -0.28
CA SER A 98 11.13 -13.12 0.47
CA SER A 98 11.10 -13.13 0.50
C SER A 98 11.68 -11.96 1.29
N ASN A 99 11.88 -10.82 0.63
CA ASN A 99 12.52 -9.69 1.29
C ASN A 99 12.01 -8.37 0.71
N HIS A 100 10.94 -8.37 -0.08
CA HIS A 100 10.35 -7.14 -0.59
CA HIS A 100 10.33 -7.13 -0.52
C HIS A 100 8.90 -7.39 -0.96
N TRP A 101 8.11 -6.30 -0.96
CA TRP A 101 6.75 -6.30 -1.45
C TRP A 101 6.75 -5.85 -2.90
N VAL A 102 5.87 -6.45 -3.69
CA VAL A 102 5.62 -6.06 -5.08
C VAL A 102 4.12 -5.83 -5.24
N PHE A 103 3.75 -4.63 -5.68
CA PHE A 103 2.37 -4.31 -5.95
CA PHE A 103 2.37 -4.29 -5.97
C PHE A 103 2.00 -4.71 -7.39
N GLY A 104 0.75 -5.15 -7.56
CA GLY A 104 0.17 -5.27 -8.87
C GLY A 104 -0.12 -3.90 -9.47
N GLY A 105 -0.51 -3.90 -10.75
CA GLY A 105 -0.73 -2.67 -11.47
C GLY A 105 -2.04 -1.96 -11.18
N GLY A 106 -2.93 -2.59 -10.43
CA GLY A 106 -4.22 -2.00 -10.06
C GLY A 106 -5.31 -2.31 -11.07
N THR A 107 -6.53 -2.45 -10.55
CA THR A 107 -7.74 -2.61 -11.35
C THR A 107 -8.67 -1.44 -11.08
N LYS A 108 -9.06 -0.75 -12.14
CA LYS A 108 -10.04 0.32 -12.01
CA LYS A 108 -10.05 0.33 -12.03
C LYS A 108 -11.46 -0.26 -12.02
N LEU A 109 -12.19 -0.09 -10.92
CA LEU A 109 -13.56 -0.58 -10.81
C LEU A 109 -14.51 0.61 -10.93
N THR A 110 -15.36 0.58 -11.94
CA THR A 110 -16.46 1.52 -12.10
C THR A 110 -17.75 0.89 -11.59
N VAL A 111 -18.51 1.65 -10.82
CA VAL A 111 -19.82 1.19 -10.32
C VAL A 111 -20.88 2.13 -10.90
N LEU A 112 -21.73 1.62 -11.77
CA LEU A 112 -22.79 2.45 -12.36
C LEU A 112 -23.80 2.83 -11.29
N GLY A 113 -24.46 3.96 -11.49
CA GLY A 113 -25.47 4.44 -10.57
C GLY A 113 -24.99 5.50 -9.62
N GLN A 114 -23.85 6.13 -9.90
CA GLN A 114 -23.35 7.20 -9.04
C GLN A 114 -24.37 8.33 -9.00
N GLY A 115 -24.59 8.87 -7.80
CA GLY A 115 -25.55 9.94 -7.61
C GLY A 115 -26.97 9.45 -7.39
N GLY A 128 -13.97 10.59 13.53
CA GLY A 128 -12.76 10.36 12.77
C GLY A 128 -12.16 8.98 13.01
N SER A 129 -11.19 8.61 12.19
CA SER A 129 -10.53 7.31 12.34
CA SER A 129 -10.56 7.30 12.35
C SER A 129 -9.68 7.30 13.60
N GLN A 130 -9.79 6.22 14.38
CA GLN A 130 -8.94 6.08 15.56
C GLN A 130 -7.46 6.14 15.17
N VAL A 131 -7.05 5.29 14.22
CA VAL A 131 -5.67 5.26 13.73
C VAL A 131 -5.52 6.33 12.67
N GLN A 132 -4.52 7.21 12.83
CA GLN A 132 -4.20 8.20 11.81
C GLN A 132 -2.69 8.24 11.59
N LEU A 133 -2.31 8.32 10.33
CA LEU A 133 -0.91 8.53 9.95
C LEU A 133 -0.88 9.90 9.28
N GLN A 134 -0.05 10.81 9.82
CA GLN A 134 -0.12 12.22 9.50
CA GLN A 134 -0.12 12.24 9.52
C GLN A 134 1.12 12.65 8.73
N GLN A 135 0.92 13.07 7.48
CA GLN A 135 1.97 13.51 6.58
C GLN A 135 1.68 14.91 6.08
N PRO A 136 2.70 15.75 5.91
CA PRO A 136 2.50 17.06 5.26
CA PRO A 136 2.46 17.06 5.28
C PRO A 136 1.98 16.89 3.85
N GLY A 137 1.21 17.86 3.38
CA GLY A 137 0.61 17.75 2.06
C GLY A 137 1.59 17.85 0.90
N ALA A 138 2.59 18.71 0.99
CA ALA A 138 3.41 19.03 -0.18
C ALA A 138 4.80 19.48 0.23
N GLU A 139 5.76 19.16 -0.62
CA GLU A 139 7.13 19.65 -0.50
C GLU A 139 7.67 19.93 -1.89
N LEU A 140 8.59 20.88 -1.98
CA LEU A 140 9.29 21.19 -3.22
C LEU A 140 10.78 21.25 -2.92
N ALA A 141 11.59 20.68 -3.81
CA ALA A 141 13.05 20.68 -3.65
C ALA A 141 13.70 20.73 -5.03
N LYS A 142 14.98 21.11 -5.06
CA LYS A 142 15.69 21.30 -6.32
CA LYS A 142 15.76 21.32 -6.27
C LYS A 142 16.40 20.02 -6.76
N PRO A 143 16.60 19.85 -8.07
CA PRO A 143 17.34 18.69 -8.55
CA PRO A 143 17.35 18.69 -8.56
C PRO A 143 18.75 18.65 -7.96
N GLY A 144 19.17 17.46 -7.56
CA GLY A 144 20.46 17.26 -6.94
C GLY A 144 20.45 17.34 -5.43
N ALA A 145 19.45 17.99 -4.85
CA ALA A 145 19.36 18.14 -3.40
C ALA A 145 18.72 16.89 -2.78
N SER A 146 18.56 16.93 -1.46
CA SER A 146 17.82 15.92 -0.73
C SER A 146 16.67 16.58 0.02
N VAL A 147 15.68 15.79 0.42
CA VAL A 147 14.53 16.29 1.16
C VAL A 147 14.15 15.27 2.22
N GLN A 148 13.60 15.78 3.33
CA GLN A 148 13.07 14.96 4.42
CA GLN A 148 13.07 14.98 4.43
C GLN A 148 11.54 14.94 4.37
N LEU A 149 10.99 13.73 4.40
CA LEU A 149 9.54 13.52 4.51
C LEU A 149 9.26 12.90 5.87
N SER A 150 8.12 13.26 6.48
CA SER A 150 7.77 12.81 7.81
C SER A 150 6.39 12.16 7.82
N CYS A 151 6.18 11.30 8.83
CA CYS A 151 4.91 10.58 8.99
CA CYS A 151 4.90 10.58 8.99
C CYS A 151 4.72 10.31 10.47
N LYS A 152 3.76 10.97 11.10
CA LYS A 152 3.50 10.82 12.53
C LYS A 152 2.32 9.89 12.75
N GLY A 153 2.52 8.86 13.57
N GLY A 153 2.53 8.83 13.52
CA GLY A 153 1.44 7.96 13.96
CA GLY A 153 1.47 7.85 13.75
C GLY A 153 0.68 8.53 15.14
C GLY A 153 0.74 8.13 15.05
N SER A 154 -0.64 8.39 15.07
N SER A 154 -0.54 8.48 14.96
CA SER A 154 -1.54 8.93 16.07
CA SER A 154 -1.34 8.81 16.13
C SER A 154 -2.63 7.91 16.41
C SER A 154 -2.48 7.83 16.31
N GLY A 155 -2.88 7.72 17.71
N GLY A 155 -2.90 7.65 17.56
CA GLY A 155 -4.02 6.91 18.13
CA GLY A 155 -4.06 6.85 17.88
C GLY A 155 -3.80 5.41 18.10
C GLY A 155 -3.82 5.37 18.02
N TYR A 156 -2.55 4.97 18.11
N TYR A 156 -2.56 4.93 18.04
CA TYR A 156 -2.16 3.57 18.21
CA TYR A 156 -2.23 3.52 18.19
C TYR A 156 -0.79 3.55 18.85
C TYR A 156 -0.85 3.43 18.85
N THR A 157 -0.32 2.35 19.19
N THR A 157 -0.47 2.21 19.21
CA THR A 157 0.96 2.19 19.87
CA THR A 157 0.81 1.95 19.87
C THR A 157 2.04 2.06 18.81
C THR A 157 1.90 1.93 18.81
N PHE A 158 2.66 3.21 18.49
N PHE A 158 2.54 3.08 18.62
CA PHE A 158 3.59 3.32 17.37
CA PHE A 158 3.49 3.26 17.53
C PHE A 158 4.70 2.29 17.37
C PHE A 158 4.61 2.23 17.49
N PRO A 159 5.36 1.96 18.48
N PRO A 159 5.31 1.93 18.58
CA PRO A 159 6.47 0.99 18.40
CA PRO A 159 6.45 0.99 18.47
C PRO A 159 6.03 -0.41 18.05
C PRO A 159 6.04 -0.45 18.21
N ASN A 160 4.74 -0.74 18.16
CA ASN A 160 4.26 -2.09 17.92
C ASN A 160 4.02 -2.36 16.45
N TYR A 161 4.23 -1.37 15.58
CA TYR A 161 4.01 -1.51 14.16
C TYR A 161 5.22 -1.07 13.37
N TRP A 162 5.48 -1.77 12.28
CA TRP A 162 6.41 -1.29 11.27
C TRP A 162 5.78 -0.14 10.48
N MET A 163 6.63 0.71 9.91
CA MET A 163 6.19 1.73 8.98
C MET A 163 6.76 1.42 7.59
N HIS A 164 5.85 1.14 6.66
CA HIS A 164 6.14 1.03 5.26
C HIS A 164 6.12 2.40 4.59
N TRP A 165 6.91 2.53 3.53
CA TRP A 165 6.86 3.67 2.63
C TRP A 165 6.62 3.18 1.21
N VAL A 166 5.81 3.94 0.47
CA VAL A 166 5.34 3.58 -0.87
C VAL A 166 5.29 4.88 -1.68
N THR A 167 5.52 4.79 -2.99
CA THR A 167 5.35 5.97 -3.85
C THR A 167 4.42 5.65 -5.01
N GLN A 168 3.79 6.70 -5.52
CA GLN A 168 2.99 6.66 -6.74
C GLN A 168 3.41 7.85 -7.60
N ARG A 169 4.03 7.58 -8.74
CA ARG A 169 4.40 8.62 -9.69
C ARG A 169 3.17 9.06 -10.47
N PRO A 170 3.19 10.26 -11.06
CA PRO A 170 1.96 10.81 -11.62
C PRO A 170 1.33 9.90 -12.67
N GLY A 171 0.05 9.58 -12.47
CA GLY A 171 -0.68 8.74 -13.39
C GLY A 171 -0.37 7.28 -13.34
N ARG A 172 0.48 6.82 -12.42
CA ARG A 172 1.01 5.45 -12.44
C ARG A 172 0.62 4.71 -11.15
N GLY A 173 1.26 3.57 -10.89
CA GLY A 173 0.88 2.69 -9.81
C GLY A 173 1.71 2.87 -8.56
N LEU A 174 1.52 1.94 -7.63
CA LEU A 174 2.23 1.93 -6.36
C LEU A 174 3.56 1.18 -6.47
N GLU A 175 4.59 1.71 -5.79
CA GLU A 175 5.91 1.10 -5.74
C GLU A 175 6.37 1.06 -4.29
N TRP A 176 6.71 -0.12 -3.78
CA TRP A 176 7.17 -0.24 -2.40
C TRP A 176 8.61 0.27 -2.26
N ILE A 177 8.85 1.11 -1.27
CA ILE A 177 10.18 1.67 -1.01
C ILE A 177 10.96 0.86 0.01
N GLY A 178 10.32 0.57 1.14
CA GLY A 178 11.00 -0.09 2.24
C GLY A 178 10.15 -0.01 3.49
N ARG A 179 10.69 -0.50 4.60
CA ARG A 179 10.00 -0.37 5.88
C ARG A 179 11.02 -0.33 7.02
N ILE A 180 10.56 0.18 8.16
CA ILE A 180 11.38 0.24 9.37
C ILE A 180 10.58 -0.26 10.56
N ASP A 181 11.26 -1.01 11.44
CA ASP A 181 10.69 -1.45 12.71
CA ASP A 181 10.68 -1.43 12.71
C ASP A 181 11.17 -0.50 13.79
N PRO A 182 10.31 0.31 14.42
CA PRO A 182 10.78 1.25 15.44
CA PRO A 182 10.80 1.26 15.43
C PRO A 182 11.33 0.58 16.68
N ASN A 183 10.89 -0.64 16.97
CA ASN A 183 11.31 -1.31 18.19
C ASN A 183 12.72 -1.87 18.08
N SER A 184 13.04 -2.55 16.99
CA SER A 184 14.37 -3.13 16.80
C SER A 184 15.32 -2.23 15.99
N GLY A 185 14.76 -1.27 15.25
CA GLY A 185 15.50 -0.48 14.30
C GLY A 185 15.71 -1.11 12.94
N PHE A 186 15.30 -2.36 12.74
CA PHE A 186 15.58 -3.06 11.49
C PHE A 186 14.88 -2.38 10.32
N ILE A 187 15.65 -2.21 9.23
CA ILE A 187 15.19 -1.58 8.01
C ILE A 187 15.30 -2.59 6.87
N ARG A 188 14.29 -2.58 5.98
CA ARG A 188 14.41 -3.15 4.65
C ARG A 188 14.28 -2.04 3.62
N TYR A 189 15.11 -2.10 2.59
CA TYR A 189 14.94 -1.27 1.39
C TYR A 189 14.63 -2.17 0.21
N ASP A 190 13.67 -1.77 -0.61
CA ASP A 190 13.57 -2.39 -1.92
C ASP A 190 14.85 -2.09 -2.71
N GLU A 191 15.28 -3.03 -3.55
CA GLU A 191 16.46 -2.77 -4.39
C GLU A 191 16.27 -1.53 -5.25
N ARG A 192 15.02 -1.20 -5.62
CA ARG A 192 14.76 -0.03 -6.45
C ARG A 192 15.11 1.27 -5.74
N PHE A 193 15.10 1.29 -4.40
CA PHE A 193 15.20 2.51 -3.63
C PHE A 193 16.36 2.54 -2.62
N LYS A 194 17.23 1.52 -2.59
CA LYS A 194 18.24 1.46 -1.54
C LYS A 194 19.24 2.61 -1.62
N THR A 195 19.49 3.18 -2.81
CA THR A 195 20.36 4.35 -2.91
C THR A 195 19.62 5.67 -2.96
N LYS A 196 18.29 5.67 -2.99
CA LYS A 196 17.44 6.86 -3.07
C LYS A 196 16.87 7.26 -1.72
N ALA A 197 16.49 6.29 -0.90
CA ALA A 197 15.77 6.52 0.35
C ALA A 197 16.61 6.14 1.54
N THR A 198 16.43 6.86 2.66
CA THR A 198 17.04 6.52 3.94
C THR A 198 15.95 6.66 5.01
N LEU A 199 15.71 5.57 5.74
CA LEU A 199 14.65 5.54 6.75
C LEU A 199 15.21 5.67 8.17
N THR A 200 14.53 6.50 8.97
CA THR A 200 14.80 6.63 10.39
C THR A 200 13.46 6.77 11.14
N VAL A 201 13.51 6.71 12.47
CA VAL A 201 12.30 6.83 13.28
CA VAL A 201 12.32 6.75 13.30
C VAL A 201 12.66 7.42 14.63
N ASP A 202 11.67 8.05 15.24
CA ASP A 202 11.76 8.57 16.60
C ASP A 202 10.55 8.11 17.40
N LYS A 203 10.77 7.27 18.42
CA LYS A 203 9.65 6.72 19.16
C LYS A 203 8.94 7.75 20.04
N PRO A 204 9.62 8.62 20.80
CA PRO A 204 8.88 9.51 21.71
CA PRO A 204 8.87 9.51 21.71
C PRO A 204 7.95 10.48 21.01
N SER A 205 8.22 10.81 19.74
CA SER A 205 7.35 11.65 18.93
C SER A 205 6.54 10.84 17.93
N SER A 206 6.63 9.52 17.98
CA SER A 206 5.89 8.64 17.07
C SER A 206 6.01 9.05 15.62
N THR A 207 7.22 9.41 15.18
CA THR A 207 7.42 9.91 13.83
C THR A 207 8.45 9.08 13.07
N ALA A 208 8.06 8.66 11.87
CA ALA A 208 8.94 8.03 10.90
C ALA A 208 9.39 9.07 9.89
N TYR A 209 10.64 8.98 9.44
CA TYR A 209 11.21 9.90 8.48
C TYR A 209 11.80 9.14 7.30
N MET A 210 11.72 9.76 6.14
CA MET A 210 12.36 9.24 4.94
C MET A 210 13.10 10.38 4.26
N GLN A 211 14.42 10.23 4.11
CA GLN A 211 15.20 11.17 3.33
C GLN A 211 15.30 10.64 1.90
N LEU A 212 15.01 11.50 0.93
CA LEU A 212 15.18 11.16 -0.48
C LEU A 212 16.35 11.98 -1.00
N SER A 213 17.36 11.31 -1.56
CA SER A 213 18.63 11.88 -1.99
CA SER A 213 18.58 11.97 -1.99
C SER A 213 18.70 12.03 -3.50
N SER A 214 19.62 12.89 -3.95
CA SER A 214 19.94 13.05 -5.36
C SER A 214 18.66 13.17 -6.18
N LEU A 215 17.87 14.16 -5.83
CA LEU A 215 16.55 14.29 -6.44
C LEU A 215 16.66 14.61 -7.92
N THR A 216 15.70 14.08 -8.67
CA THR A 216 15.53 14.37 -10.07
C THR A 216 14.04 14.53 -10.36
N SER A 217 13.69 14.98 -11.56
CA SER A 217 12.28 15.12 -11.88
CA SER A 217 12.30 15.10 -11.97
C SER A 217 11.54 13.78 -11.82
N ASP A 218 12.24 12.66 -11.99
CA ASP A 218 11.61 11.34 -11.85
C ASP A 218 11.09 11.12 -10.43
N ASP A 219 11.65 11.82 -9.46
CA ASP A 219 11.23 11.67 -8.06
C ASP A 219 10.00 12.49 -7.72
N SER A 220 9.50 13.34 -8.62
CA SER A 220 8.24 14.03 -8.38
C SER A 220 7.12 13.00 -8.36
N ALA A 221 6.45 12.88 -7.22
CA ALA A 221 5.54 11.77 -6.97
C ALA A 221 4.84 12.05 -5.65
N VAL A 222 3.85 11.21 -5.33
CA VAL A 222 3.26 11.20 -3.99
C VAL A 222 3.95 10.08 -3.20
N TYR A 223 4.34 10.39 -1.98
CA TYR A 223 5.00 9.44 -1.10
C TYR A 223 4.13 9.21 0.12
N PHE A 224 3.80 7.94 0.38
CA PHE A 224 2.92 7.53 1.45
C PHE A 224 3.69 6.74 2.50
N CYS A 225 3.25 6.88 3.75
CA CYS A 225 3.55 5.90 4.77
CA CYS A 225 3.56 5.88 4.76
C CYS A 225 2.31 5.04 5.03
N ALA A 226 2.54 3.81 5.49
CA ALA A 226 1.45 2.88 5.79
C ALA A 226 1.93 1.89 6.83
N ARG A 227 1.01 1.41 7.67
CA ARG A 227 1.40 0.52 8.76
CA ARG A 227 1.39 0.52 8.75
C ARG A 227 1.56 -0.92 8.28
N GLY A 228 2.40 -1.67 9.00
CA GLY A 228 2.45 -3.12 8.89
C GLY A 228 3.02 -3.71 10.16
N CYS A 229 3.16 -5.04 10.15
N CYS A 229 3.18 -5.03 10.14
CA CYS A 229 3.86 -5.80 11.20
CA CYS A 229 3.82 -5.79 11.21
C CYS A 229 3.77 -7.26 10.79
C CYS A 229 3.82 -7.24 10.74
N TYR A 230 4.60 -8.09 11.42
CA TYR A 230 4.65 -9.50 11.06
C TYR A 230 3.31 -10.16 11.32
N GLY A 231 2.70 -10.75 10.30
CA GLY A 231 1.41 -11.40 10.45
C GLY A 231 0.24 -10.48 10.52
N CYS A 232 0.45 -9.19 10.33
N CYS A 232 0.46 -9.16 10.39
CA CYS A 232 -0.63 -8.23 10.43
CA CYS A 232 -0.56 -8.13 10.46
C CYS A 232 -1.28 -7.96 9.07
C CYS A 232 -1.35 -8.05 9.14
N ILE A 233 -2.32 -7.14 9.11
CA ILE A 233 -2.93 -6.60 7.90
CA ILE A 233 -2.90 -6.66 7.85
C ILE A 233 -1.99 -5.54 7.34
N HIS A 234 -0.99 -5.94 6.55
CA HIS A 234 -0.08 -4.93 6.02
C HIS A 234 -0.85 -3.94 5.18
N PHE A 235 -0.46 -2.67 5.30
CA PHE A 235 -1.05 -1.58 4.53
C PHE A 235 -2.50 -1.32 4.94
N ASP A 236 -2.84 -1.59 6.20
CA ASP A 236 -4.21 -1.36 6.65
C ASP A 236 -4.56 0.12 6.68
N TYR A 237 -3.67 0.94 7.24
CA TYR A 237 -3.85 2.38 7.35
C TYR A 237 -2.71 3.11 6.67
N TRP A 238 -3.07 4.20 5.98
CA TRP A 238 -2.17 4.97 5.15
C TRP A 238 -2.23 6.44 5.54
N GLY A 239 -1.07 7.10 5.45
CA GLY A 239 -1.05 8.55 5.41
C GLY A 239 -1.69 9.07 4.14
N GLN A 240 -1.99 10.38 4.14
CA GLN A 240 -2.66 10.95 2.97
CA GLN A 240 -2.63 11.03 3.00
C GLN A 240 -1.72 11.15 1.80
N GLY A 241 -0.40 11.04 2.01
CA GLY A 241 0.59 11.22 0.98
C GLY A 241 1.15 12.62 0.94
N THR A 242 2.45 12.75 0.81
CA THR A 242 3.10 14.04 0.57
C THR A 242 3.42 14.12 -0.91
N THR A 243 2.93 15.16 -1.58
CA THR A 243 3.29 15.42 -2.97
C THR A 243 4.64 16.13 -3.00
N LEU A 244 5.65 15.47 -3.56
CA LEU A 244 6.95 16.07 -3.76
C LEU A 244 7.05 16.52 -5.21
N THR A 245 7.46 17.77 -5.41
CA THR A 245 7.78 18.30 -6.73
C THR A 245 9.27 18.65 -6.74
N VAL A 246 10.00 18.11 -7.70
CA VAL A 246 11.41 18.42 -7.89
C VAL A 246 11.51 19.39 -9.04
N SER A 247 12.00 20.59 -8.75
CA SER A 247 12.03 21.62 -9.75
C SER A 247 13.08 22.65 -9.39
N SER A 248 13.69 23.21 -10.43
CA SER A 248 14.47 24.42 -10.27
C SER A 248 13.52 25.60 -10.08
C10 A1L81 B . 4.36 -11.34 6.76
N12 A1L81 B . 4.17 -12.69 6.89
C20 A1L81 B . 3.44 -14.76 8.02
C21 A1L81 B . 2.66 -15.32 9.20
C22 A1L81 B . 1.67 -17.38 10.25
C22 A1L81 B . 2.05 -17.40 10.49
C01 A1L81 B . 8.62 -10.58 6.90
C02 A1L81 B . 8.96 -9.27 6.66
C03 A1L81 B . 8.01 -8.47 6.02
C04 A1L81 B . 6.75 -8.96 5.67
C05 A1L81 B . 6.43 -10.30 5.92
C06 A1L81 B . 7.40 -11.08 6.55
C09 A1L81 B . 5.10 -10.84 5.54
C18 A1L81 B . 3.46 -13.27 8.00
C19 A1L81 B . 2.67 -16.82 9.25
C23 A1L81 B . 0.18 -17.19 9.73
C23 A1L81 B . 2.93 -17.05 11.81
N08 A1L81 B . 9.56 -11.51 7.55
N11 A1L81 B . 8.27 -7.05 5.72
O07 A1L81 B . 10.19 -8.80 7.05
O13 A1L81 B . 9.15 -12.62 7.86
O13 A1L81 B . 9.18 -12.14 8.51
O14 A1L81 B . 10.68 -11.12 7.79
O14 A1L81 B . 10.66 -11.62 7.06
O15 A1L81 B . 7.31 -6.35 5.43
O16 A1L81 B . 9.41 -6.63 5.78
O17 A1L81 B . 3.94 -10.57 7.64
O24 A1L81 B . -0.48 -16.24 10.21
O24 A1L81 B . 4.17 -17.35 11.84
O25 A1L81 B . -0.23 -17.98 8.85
O25 A1L81 B . 2.33 -16.49 12.74
H121 A1L81 B . 4.52 -13.32 6.20
H202 A1L81 B . 4.48 -15.16 8.05
H201 A1L81 B . 3.01 -15.15 7.07
H212 A1L81 B . 3.04 -14.91 10.14
H211 A1L81 B . 1.61 -14.97 9.16
H222 A1L81 B . 1.83 -18.46 10.45
H222 A1L81 B . 1.94 -18.50 10.43
H221 A1L81 B . 1.76 -16.91 11.25
H221 A1L81 B . 1.02 -17.03 10.66
H041 A1L81 B . 6.02 -8.30 5.21
H061 A1L81 B . 7.19 -12.14 6.79
H092 A1L81 B . 5.21 -11.65 4.79
H091 A1L81 B . 4.51 -10.08 5.01
H182 A1L81 B . 2.41 -12.89 8.02
H181 A1L81 B . 3.91 -12.91 8.96
H192 A1L81 B . 3.67 -17.18 9.52
H191 A1L81 B . 2.45 -17.24 8.26
H071 A1L81 B . 10.19 -9.01 7.99
C1 GOL C . 18.79 -1.61 9.89
C1 GOL C . 19.49 -1.56 10.00
O1 GOL C . 18.37 -2.92 9.64
O1 GOL C . 18.53 -2.50 9.59
C2 GOL C . 19.73 -1.60 11.04
C2 GOL C . 19.64 -1.57 11.48
O2 GOL C . 19.36 -2.48 12.08
O2 GOL C . 20.47 -2.66 11.79
C3 GOL C . 21.15 -1.94 10.61
C3 GOL C . 20.33 -0.29 11.91
O3 GOL C . 21.97 -1.24 11.53
O3 GOL C . 20.34 -0.29 13.32
H11 GOL C . 18.04 -1.03 10.08
H11 GOL C . 19.24 -0.67 9.71
H12 GOL C . 19.24 -1.24 9.12
H12 GOL C . 20.35 -1.76 9.60
H2 GOL C . 19.68 -0.69 11.37
H2 GOL C . 18.77 -1.62 11.92
HO2 GOL C . 19.02 -3.18 11.72
H31 GOL C . 21.30 -1.64 9.69
H31 GOL C . 19.85 0.48 11.56
H32 GOL C . 21.30 -2.90 10.63
H32 GOL C . 21.23 -0.25 11.53
HO3 GOL C . 22.08 -0.45 11.25
C1 GOL D . 5.55 -2.30 -9.82
O1 GOL D . 6.47 -1.26 -10.13
C2 GOL D . 5.99 -3.02 -8.55
O2 GOL D . 7.29 -3.55 -8.76
C3 GOL D . 5.98 -2.01 -7.41
O3 GOL D . 5.95 -2.60 -6.13
H11 GOL D . 5.51 -2.95 -10.55
H12 GOL D . 4.65 -1.96 -9.69
HO1 GOL D . 6.64 -1.28 -10.97
H2 GOL D . 5.37 -3.73 -8.35
HO2 GOL D . 7.68 -3.58 -8.00
H31 GOL D . 5.20 -1.43 -7.54
H32 GOL D . 6.76 -1.45 -7.51
HO3 GOL D . 6.55 -3.19 -6.09
C1 GOL E . 8.31 -16.91 -3.33
O1 GOL E . 8.13 -15.68 -2.64
C2 GOL E . 7.20 -17.39 -4.26
O2 GOL E . 6.29 -16.39 -4.56
C3 GOL E . 7.89 -18.09 -5.45
O3 GOL E . 7.06 -18.28 -6.58
H11 GOL E . 8.44 -17.62 -2.67
H12 GOL E . 9.11 -16.87 -3.85
HO1 GOL E . 7.36 -15.38 -2.85
H2 GOL E . 6.66 -18.07 -3.83
H31 GOL E . 8.21 -18.95 -5.13
H32 GOL E . 8.67 -17.57 -5.68
HO3 GOL E . 6.83 -17.52 -6.88
C1 PEG F . 16.05 1.35 -9.80
O1 PEG F . 16.82 2.01 -8.82
C2 PEG F . 15.66 2.26 -10.94
O2 PEG F . 14.85 3.31 -10.51
C3 PEG F . 13.91 3.78 -11.46
C4 PEG F . 13.04 4.71 -10.65
O4 PEG F . 11.97 5.32 -11.32
H11 PEG F . 15.23 1.00 -9.41
H12 PEG F . 16.54 0.60 -10.16
HO1 PEG F . 17.53 2.29 -9.18
H21 PEG F . 15.21 1.72 -11.61
H22 PEG F . 16.47 2.59 -11.35
H31 PEG F . 13.38 3.06 -11.84
H32 PEG F . 14.34 4.24 -12.19
H41 PEG F . 13.65 5.38 -10.30
H42 PEG F . 12.73 4.19 -9.90
HO4 PEG F . 12.25 6.04 -11.66
#